data_3K15
#
_entry.id   3K15
#
_cell.length_a   114.569
_cell.length_b   114.569
_cell.length_c   123.186
_cell.angle_alpha   90.000
_cell.angle_beta   90.000
_cell.angle_gamma   120.000
#
_symmetry.space_group_name_H-M   'P 61 2 2'
#
loop_
_entity.id
_entity.type
_entity.pdbx_description
1 polymer 'Breast cancer type 1 susceptibility protein'
2 polymer 'phospho peptide'
3 non-polymer 'NICKEL (II) ION'
4 non-polymer 'CHLORIDE ION'
5 water water
#
loop_
_entity_poly.entity_id
_entity_poly.type
_entity_poly.pdbx_seq_one_letter_code
_entity_poly.pdbx_strand_id
1 'polypeptide(L)'
;MVNKRMSMVVSGLTPEEFMLVYKFARKHHITLTNLITEETTHVVMKTDAEFVCERTLKYFLGIAGGKWVVSYFWVTQSIK
ERKMLNEHDFEVRGDVVNGRNHQGPKRARESQDRKIFRGLEICCYGPFTNMPTDQLEWMVQLCGASVVKELSSFTLGTGV
HPIVVVQPDAWTEDNGFHAIGQMCEAPVVTREWVLTSVALYQCQELDTYLIPQIP
;
A
2 'polypeptide(L)' (SEP)PTF(NH2) B
#
loop_
_chem_comp.id
_chem_comp.type
_chem_comp.name
_chem_comp.formula
CL non-polymer 'CHLORIDE ION' 'Cl -1'
NH2 non-polymer 'AMINO GROUP' 'H2 N'
NI non-polymer 'NICKEL (II) ION' 'Ni 2'
#
# COMPACT_ATOMS: atom_id res chain seq x y z
N ARG A 5 14.42 -15.71 -4.41
CA ARG A 5 13.67 -16.88 -3.90
C ARG A 5 12.30 -16.49 -3.34
N MET A 6 11.56 -17.46 -2.82
CA MET A 6 10.21 -17.20 -2.28
C MET A 6 10.20 -16.95 -0.78
N SER A 7 9.67 -15.79 -0.38
CA SER A 7 9.47 -15.44 1.02
C SER A 7 8.11 -14.79 1.19
N MET A 8 7.36 -15.23 2.20
CA MET A 8 5.97 -14.79 2.33
C MET A 8 5.62 -14.14 3.66
N VAL A 9 4.67 -13.22 3.63
CA VAL A 9 3.96 -12.84 4.83
C VAL A 9 2.47 -13.04 4.54
N VAL A 10 1.65 -13.13 5.57
CA VAL A 10 0.23 -13.38 5.35
C VAL A 10 -0.54 -12.21 5.90
N SER A 11 -1.79 -12.05 5.47
CA SER A 11 -2.59 -10.97 6.02
C SER A 11 -4.06 -11.35 6.24
N GLY A 12 -4.59 -10.96 7.38
CA GLY A 12 -6.00 -11.17 7.71
C GLY A 12 -6.43 -12.61 7.93
N LEU A 13 -5.51 -13.45 8.43
CA LEU A 13 -5.74 -14.89 8.63
C LEU A 13 -5.98 -15.27 10.09
N THR A 14 -6.45 -16.48 10.33
CA THR A 14 -6.51 -17.01 11.69
C THR A 14 -5.34 -17.99 11.91
N PRO A 15 -5.04 -18.30 13.19
CA PRO A 15 -3.96 -19.23 13.51
C PRO A 15 -4.09 -20.51 12.70
N GLU A 16 -5.28 -21.09 12.67
CA GLU A 16 -5.51 -22.31 11.88
C GLU A 16 -5.14 -22.09 10.42
N GLU A 17 -5.69 -21.01 9.84
CA GLU A 17 -5.35 -20.62 8.47
C GLU A 17 -3.84 -20.43 8.32
N PHE A 18 -3.24 -19.75 9.30
CA PHE A 18 -1.80 -19.51 9.29
C PHE A 18 -1.05 -20.84 9.36
N MET A 19 -1.52 -21.73 10.24
CA MET A 19 -0.93 -23.07 10.30
C MET A 19 -0.96 -23.78 8.96
N LEU A 20 -2.00 -23.52 8.17
CA LEU A 20 -2.03 -24.07 6.82
C LEU A 20 -0.98 -23.44 5.91
N VAL A 21 -0.81 -22.11 5.98
CA VAL A 21 0.22 -21.49 5.16
C VAL A 21 1.58 -22.05 5.57
N TYR A 22 1.78 -22.22 6.87
CA TYR A 22 3.02 -22.79 7.35
C TYR A 22 3.22 -24.17 6.77
N LYS A 23 2.20 -25.01 6.86
CA LYS A 23 2.28 -26.33 6.24
C LYS A 23 2.73 -26.21 4.80
N PHE A 24 2.08 -25.33 4.06
CA PHE A 24 2.47 -24.98 2.69
C PHE A 24 3.98 -24.67 2.60
N ALA A 25 4.43 -23.71 3.40
CA ALA A 25 5.82 -23.26 3.34
C ALA A 25 6.78 -24.42 3.56
N ARG A 26 6.55 -25.16 4.64
CA ARG A 26 7.32 -26.33 4.96
C ARG A 26 7.52 -27.18 3.72
N LYS A 27 6.41 -27.56 3.11
CA LYS A 27 6.46 -28.46 1.96
C LYS A 27 7.35 -27.90 0.85
N HIS A 28 7.13 -26.63 0.51
CA HIS A 28 7.75 -26.05 -0.69
C HIS A 28 9.04 -25.27 -0.42
N HIS A 29 9.59 -25.42 0.79
CA HIS A 29 10.83 -24.72 1.16
C HIS A 29 10.73 -23.22 0.96
N ILE A 30 9.57 -22.66 1.29
CA ILE A 30 9.30 -21.23 1.18
C ILE A 30 9.45 -20.56 2.56
N THR A 31 10.08 -19.39 2.60
CA THR A 31 10.26 -18.68 3.86
C THR A 31 8.98 -18.00 4.32
N LEU A 32 8.83 -17.84 5.62
CA LEU A 32 7.63 -17.22 6.18
C LEU A 32 8.01 -16.31 7.35
N THR A 33 7.78 -15.02 7.19
CA THR A 33 8.18 -14.03 8.21
C THR A 33 6.96 -13.27 8.69
N ASN A 34 7.09 -12.61 9.83
CA ASN A 34 5.98 -11.85 10.38
C ASN A 34 5.88 -10.48 9.72
N LEU A 35 7.01 -9.97 9.26
CA LEU A 35 7.07 -8.58 8.79
C LEU A 35 7.54 -8.45 7.35
N ILE A 36 6.82 -7.65 6.58
CA ILE A 36 7.12 -7.44 5.19
C ILE A 36 8.40 -6.63 5.06
N THR A 37 9.29 -7.02 4.14
CA THR A 37 10.52 -6.28 3.94
C THR A 37 10.92 -6.25 2.46
N GLU A 38 12.09 -5.68 2.18
CA GLU A 38 12.58 -5.63 0.81
C GLU A 38 12.46 -7.00 0.16
N GLU A 39 12.85 -8.03 0.89
CA GLU A 39 13.02 -9.39 0.36
C GLU A 39 11.70 -10.08 0.08
N THR A 40 10.70 -9.81 0.90
CA THR A 40 9.37 -10.40 0.78
C THR A 40 8.89 -10.49 -0.67
N THR A 41 8.61 -11.70 -1.15
CA THR A 41 8.17 -11.87 -2.52
C THR A 41 6.66 -12.07 -2.63
N HIS A 42 6.05 -12.65 -1.60
CA HIS A 42 4.61 -12.89 -1.67
C HIS A 42 3.86 -12.31 -0.48
N VAL A 43 2.67 -11.79 -0.76
CA VAL A 43 1.73 -11.42 0.28
C VAL A 43 0.46 -12.27 0.15
N VAL A 44 0.19 -13.10 1.14
CA VAL A 44 -0.96 -13.98 1.07
C VAL A 44 -2.14 -13.33 1.79
N MET A 45 -3.19 -13.02 1.03
CA MET A 45 -4.37 -12.34 1.58
C MET A 45 -5.61 -13.23 1.74
N LYS A 46 -6.24 -13.08 2.90
CA LYS A 46 -7.62 -13.47 3.12
C LYS A 46 -8.51 -12.72 2.12
N THR A 47 -9.27 -13.45 1.31
CA THR A 47 -10.22 -12.87 0.37
C THR A 47 -11.56 -13.59 0.42
N ASP A 48 -12.58 -12.99 -0.18
CA ASP A 48 -13.87 -13.67 -0.32
C ASP A 48 -13.80 -14.63 -1.50
N ALA A 49 -14.90 -15.31 -1.78
CA ALA A 49 -14.92 -16.28 -2.86
C ALA A 49 -14.26 -15.78 -4.15
N GLU A 50 -14.30 -14.48 -4.39
CA GLU A 50 -13.84 -13.93 -5.67
C GLU A 50 -12.58 -13.04 -5.61
N PHE A 51 -11.72 -13.30 -4.63
CA PHE A 51 -10.41 -12.63 -4.55
C PHE A 51 -10.46 -11.14 -4.23
N VAL A 52 -11.53 -10.71 -3.57
CA VAL A 52 -11.55 -9.36 -3.00
C VAL A 52 -11.10 -9.46 -1.55
N CYS A 53 -10.20 -8.55 -1.15
CA CYS A 53 -9.64 -8.58 0.19
C CYS A 53 -9.97 -7.31 0.95
N GLU A 54 -9.54 -7.25 2.20
CA GLU A 54 -9.61 -5.99 2.91
C GLU A 54 -8.31 -5.23 2.69
N ARG A 55 -8.36 -3.90 2.85
CA ARG A 55 -7.16 -3.06 2.72
C ARG A 55 -6.35 -3.03 4.02
N THR A 56 -5.16 -3.62 3.97
CA THR A 56 -4.25 -3.60 5.10
C THR A 56 -2.86 -3.15 4.69
N LEU A 57 -2.09 -2.72 5.69
CA LEU A 57 -0.76 -2.19 5.43
C LEU A 57 0.02 -3.13 4.52
N LYS A 58 0.02 -4.42 4.81
CA LYS A 58 0.70 -5.36 3.94
C LYS A 58 0.08 -5.36 2.55
N TYR A 59 -1.23 -5.21 2.47
CA TYR A 59 -1.90 -5.13 1.17
C TYR A 59 -1.22 -4.05 0.33
N PHE A 60 -1.03 -2.86 0.92
CA PHE A 60 -0.43 -1.74 0.21
C PHE A 60 1.05 -1.92 -0.06
N LEU A 61 1.82 -2.25 0.97
CA LEU A 61 3.24 -2.43 0.78
C LEU A 61 3.49 -3.54 -0.23
N GLY A 62 2.54 -4.48 -0.32
CA GLY A 62 2.62 -5.56 -1.27
C GLY A 62 2.54 -5.04 -2.69
N ILE A 63 1.46 -4.33 -2.99
CA ILE A 63 1.30 -3.73 -4.31
C ILE A 63 2.45 -2.75 -4.62
N ALA A 64 2.73 -1.85 -3.66
CA ALA A 64 3.80 -0.87 -3.82
C ALA A 64 5.13 -1.51 -4.19
N GLY A 65 5.35 -2.73 -3.74
CA GLY A 65 6.64 -3.37 -3.99
C GLY A 65 6.59 -4.19 -5.26
N GLY A 66 5.44 -4.20 -5.90
CA GLY A 66 5.22 -5.06 -7.07
C GLY A 66 5.43 -6.53 -6.71
N LYS A 67 5.02 -6.90 -5.50
CA LYS A 67 5.15 -8.28 -5.04
C LYS A 67 3.94 -9.08 -5.49
N TRP A 68 3.94 -10.39 -5.27
CA TRP A 68 2.75 -11.16 -5.59
C TRP A 68 1.75 -10.99 -4.48
N VAL A 69 0.61 -10.38 -4.79
CA VAL A 69 -0.49 -10.34 -3.84
C VAL A 69 -1.54 -11.39 -4.23
N VAL A 70 -1.51 -12.52 -3.51
CA VAL A 70 -2.31 -13.69 -3.86
C VAL A 70 -3.34 -14.07 -2.78
N SER A 71 -4.50 -14.55 -3.21
CA SER A 71 -5.55 -14.95 -2.29
C SER A 71 -5.12 -16.19 -1.52
N TYR A 72 -5.54 -16.24 -0.25
CA TYR A 72 -5.31 -17.41 0.58
C TYR A 72 -5.64 -18.72 -0.18
N PHE A 73 -6.58 -18.65 -1.11
CA PHE A 73 -6.99 -19.81 -1.88
C PHE A 73 -5.85 -20.37 -2.71
N TRP A 74 -4.79 -19.58 -2.86
CA TRP A 74 -3.61 -20.07 -3.55
C TRP A 74 -3.00 -21.19 -2.75
N VAL A 75 -3.01 -21.01 -1.43
CA VAL A 75 -2.44 -21.95 -0.49
C VAL A 75 -3.26 -23.25 -0.40
N THR A 76 -4.53 -23.12 0.02
CA THR A 76 -5.36 -24.29 0.28
C THR A 76 -5.58 -25.14 -0.98
N GLN A 77 -5.58 -24.51 -2.15
CA GLN A 77 -5.76 -25.24 -3.39
C GLN A 77 -4.49 -26.01 -3.74
N SER A 78 -3.34 -25.39 -3.48
CA SER A 78 -2.07 -26.06 -3.71
C SER A 78 -1.92 -27.24 -2.76
N ILE A 79 -2.34 -27.03 -1.52
CA ILE A 79 -2.33 -28.11 -0.54
C ILE A 79 -3.21 -29.24 -1.05
N LYS A 80 -4.46 -28.91 -1.36
CA LYS A 80 -5.46 -29.87 -1.80
C LYS A 80 -5.04 -30.65 -3.05
N GLU A 81 -4.26 -30.01 -3.90
CA GLU A 81 -3.79 -30.66 -5.12
C GLU A 81 -2.31 -31.00 -4.99
N ARG A 82 -1.87 -31.25 -3.77
CA ARG A 82 -0.49 -31.64 -3.52
C ARG A 82 0.47 -31.04 -4.54
N LYS A 83 0.39 -29.72 -4.72
CA LYS A 83 1.35 -29.00 -5.53
C LYS A 83 1.14 -27.49 -5.55
N MET A 84 2.08 -26.79 -6.17
CA MET A 84 2.08 -25.34 -6.16
C MET A 84 1.50 -24.76 -7.44
N LEU A 85 0.27 -24.27 -7.34
CA LEU A 85 -0.45 -23.69 -8.47
C LEU A 85 -0.04 -22.23 -8.74
N ASN A 86 0.80 -22.00 -9.73
CA ASN A 86 1.37 -20.66 -9.92
C ASN A 86 0.43 -19.48 -9.59
N GLU A 87 1.01 -18.47 -8.95
CA GLU A 87 0.26 -17.35 -8.39
C GLU A 87 -0.67 -16.65 -9.37
N HIS A 88 -0.30 -16.66 -10.64
CA HIS A 88 -1.07 -15.94 -11.66
C HIS A 88 -2.58 -16.15 -11.51
N ASP A 89 -2.95 -17.32 -11.01
CA ASP A 89 -4.34 -17.76 -11.04
C ASP A 89 -5.15 -17.36 -9.82
N PHE A 90 -4.49 -16.80 -8.82
CA PHE A 90 -5.19 -16.51 -7.57
C PHE A 90 -5.01 -15.06 -7.14
N GLU A 91 -4.35 -14.26 -7.98
CA GLU A 91 -4.05 -12.87 -7.63
C GLU A 91 -5.30 -12.11 -7.16
N VAL A 92 -5.14 -11.22 -6.18
CA VAL A 92 -6.28 -10.46 -5.66
C VAL A 92 -6.69 -9.31 -6.61
N ARG A 93 -7.98 -9.24 -6.89
CA ARG A 93 -8.49 -8.39 -7.96
C ARG A 93 -8.95 -7.02 -7.48
N GLY A 94 -9.39 -6.93 -6.24
CA GLY A 94 -9.93 -5.68 -5.72
C GLY A 94 -10.03 -5.73 -4.22
N ASP A 95 -10.79 -4.80 -3.65
CA ASP A 95 -10.93 -4.75 -2.21
C ASP A 95 -12.23 -4.11 -1.84
N VAL A 96 -12.57 -4.19 -0.56
CA VAL A 96 -13.89 -3.75 -0.09
C VAL A 96 -14.09 -2.25 -0.16
N VAL A 97 -13.04 -1.50 -0.47
CA VAL A 97 -13.14 -0.03 -0.57
C VAL A 97 -13.01 0.49 -2.00
N ASN A 98 -12.08 -0.09 -2.76
CA ASN A 98 -11.75 0.41 -4.10
C ASN A 98 -12.32 -0.37 -5.28
N GLY A 99 -13.28 -1.26 -5.01
CA GLY A 99 -13.94 -2.02 -6.06
C GLY A 99 -13.40 -3.43 -6.23
N ARG A 100 -14.30 -4.36 -6.53
CA ARG A 100 -13.95 -5.77 -6.63
C ARG A 100 -13.14 -6.11 -7.88
N ASN A 101 -13.17 -5.24 -8.87
CA ASN A 101 -12.46 -5.49 -10.11
C ASN A 101 -11.62 -4.32 -10.54
N HIS A 102 -10.47 -4.13 -9.91
CA HIS A 102 -9.56 -3.09 -10.33
C HIS A 102 -8.15 -3.59 -10.70
N GLN A 103 -7.88 -4.87 -10.45
CA GLN A 103 -6.62 -5.46 -10.92
C GLN A 103 -5.40 -4.73 -10.36
N GLY A 104 -5.53 -4.20 -9.14
CA GLY A 104 -4.46 -3.43 -8.51
C GLY A 104 -3.06 -4.00 -8.65
N PRO A 105 -2.73 -5.02 -7.82
CA PRO A 105 -1.41 -5.67 -7.74
C PRO A 105 -0.88 -6.06 -9.11
N LYS A 106 -1.80 -6.32 -10.03
CA LYS A 106 -1.48 -6.73 -11.39
C LYS A 106 -0.72 -5.61 -12.06
N ARG A 107 -1.40 -4.49 -12.28
CA ARG A 107 -0.77 -3.35 -12.92
C ARG A 107 0.58 -3.13 -12.26
N ALA A 108 0.61 -3.25 -10.93
CA ALA A 108 1.81 -3.01 -10.16
C ALA A 108 2.92 -3.95 -10.60
N ARG A 109 2.72 -5.25 -10.35
CA ARG A 109 3.72 -6.24 -10.70
C ARG A 109 4.27 -5.92 -12.08
N GLU A 110 3.49 -5.21 -12.89
CA GLU A 110 3.85 -4.98 -14.29
C GLU A 110 4.56 -3.64 -14.53
N SER A 111 4.16 -2.60 -13.81
CA SER A 111 4.61 -1.25 -14.11
C SER A 111 5.78 -0.78 -13.22
N GLN A 112 6.89 -1.52 -13.26
CA GLN A 112 8.01 -1.22 -12.38
C GLN A 112 9.11 -0.41 -13.06
N ASP A 113 8.81 0.12 -14.24
CA ASP A 113 9.70 1.08 -14.91
C ASP A 113 8.99 2.42 -15.06
N ARG A 114 8.02 2.64 -14.19
CA ARG A 114 7.15 3.79 -14.27
C ARG A 114 6.30 3.82 -13.02
N LYS A 115 6.90 4.18 -11.89
CA LYS A 115 6.21 4.23 -10.62
C LYS A 115 5.21 5.38 -10.61
N ILE A 116 3.98 5.11 -10.21
CA ILE A 116 2.96 6.14 -10.17
C ILE A 116 3.46 7.46 -9.54
N PHE A 117 4.59 7.39 -8.85
CA PHE A 117 5.12 8.56 -8.15
C PHE A 117 6.51 8.99 -8.62
N ARG A 118 6.78 8.80 -9.90
CA ARG A 118 7.97 9.37 -10.52
C ARG A 118 7.88 10.89 -10.36
N GLY A 119 9.02 11.52 -10.11
CA GLY A 119 9.08 12.98 -10.01
C GLY A 119 8.12 13.60 -8.99
N LEU A 120 8.02 13.01 -7.80
CA LEU A 120 7.22 13.61 -6.74
C LEU A 120 8.02 13.74 -5.45
N GLU A 121 7.84 14.86 -4.78
CA GLU A 121 8.34 15.00 -3.42
C GLU A 121 7.13 15.02 -2.52
N ILE A 122 7.03 14.01 -1.65
CA ILE A 122 5.88 13.90 -0.79
C ILE A 122 6.30 14.09 0.65
N CYS A 123 5.55 14.92 1.38
CA CYS A 123 5.80 15.06 2.80
C CYS A 123 4.59 14.64 3.61
N CYS A 124 4.67 13.48 4.24
CA CYS A 124 3.63 13.03 5.16
C CYS A 124 3.66 13.86 6.43
N TYR A 125 2.66 14.69 6.63
CA TYR A 125 2.74 15.73 7.64
C TYR A 125 1.76 15.51 8.76
N GLY A 126 2.21 15.67 9.99
CA GLY A 126 1.33 15.51 11.14
C GLY A 126 1.13 14.04 11.45
N PRO A 127 0.19 13.74 12.37
CA PRO A 127 -0.02 12.40 12.92
C PRO A 127 -0.90 11.51 12.04
N PHE A 128 -0.64 10.20 12.09
CA PHE A 128 -1.47 9.20 11.40
C PHE A 128 -1.82 8.06 12.36
N THR A 129 -2.90 7.36 12.06
CA THR A 129 -3.32 6.26 12.89
C THR A 129 -3.23 4.95 12.13
N ASN A 130 -3.11 3.86 12.88
CA ASN A 130 -3.12 2.51 12.32
C ASN A 130 -2.05 2.29 11.27
N MET A 131 -1.29 3.33 10.98
CA MET A 131 -0.23 3.25 9.99
C MET A 131 0.87 4.21 10.39
N PRO A 132 2.00 3.67 10.85
CA PRO A 132 3.07 4.55 11.27
C PRO A 132 3.58 5.35 10.07
N THR A 133 3.97 6.59 10.34
CA THR A 133 4.45 7.47 9.29
C THR A 133 5.56 6.87 8.43
N ASP A 134 6.59 6.31 9.05
CA ASP A 134 7.70 5.77 8.26
C ASP A 134 7.26 4.70 7.28
N GLN A 135 6.13 4.05 7.57
CA GLN A 135 5.60 3.01 6.69
C GLN A 135 4.89 3.64 5.51
N LEU A 136 4.10 4.67 5.76
CA LEU A 136 3.52 5.45 4.69
C LEU A 136 4.64 6.00 3.80
N GLU A 137 5.70 6.48 4.43
CA GLU A 137 6.83 7.02 3.69
C GLU A 137 7.49 5.93 2.86
N TRP A 138 7.71 4.77 3.47
CA TRP A 138 8.31 3.67 2.73
C TRP A 138 7.46 3.34 1.52
N MET A 139 6.14 3.35 1.72
CA MET A 139 5.21 3.05 0.66
C MET A 139 5.50 3.95 -0.53
N VAL A 140 5.28 5.25 -0.35
CA VAL A 140 5.46 6.21 -1.44
C VAL A 140 6.86 6.18 -2.05
N GLN A 141 7.89 5.89 -1.26
CA GLN A 141 9.18 5.67 -1.88
C GLN A 141 9.13 4.52 -2.89
N LEU A 142 8.58 3.38 -2.47
CA LEU A 142 8.51 2.23 -3.36
C LEU A 142 7.79 2.62 -4.65
N CYS A 143 6.85 3.56 -4.53
CA CYS A 143 6.15 4.09 -5.69
C CYS A 143 6.94 5.17 -6.43
N GLY A 144 8.17 5.42 -6.00
CA GLY A 144 9.05 6.32 -6.75
C GLY A 144 9.12 7.76 -6.25
N ALA A 145 8.13 8.18 -5.47
CA ALA A 145 8.20 9.50 -4.84
C ALA A 145 9.45 9.59 -3.97
N SER A 146 9.82 10.80 -3.57
CA SER A 146 10.94 10.95 -2.65
C SER A 146 10.47 11.68 -1.39
N VAL A 147 10.84 11.16 -0.23
CA VAL A 147 10.24 11.61 1.00
C VAL A 147 10.90 12.88 1.46
N VAL A 148 10.14 13.70 2.19
CA VAL A 148 10.59 14.97 2.72
C VAL A 148 10.02 15.08 4.11
N LYS A 149 10.84 15.41 5.09
CA LYS A 149 10.39 15.40 6.48
C LYS A 149 9.69 16.69 6.93
N GLU A 150 10.22 17.84 6.56
CA GLU A 150 9.68 19.11 7.02
C GLU A 150 9.03 19.83 5.86
N LEU A 151 7.93 20.55 6.11
CA LEU A 151 7.30 21.33 5.06
C LEU A 151 8.29 22.25 4.39
N SER A 152 9.21 22.81 5.18
CA SER A 152 10.16 23.79 4.67
C SER A 152 11.36 23.14 4.01
N SER A 153 11.34 21.81 3.88
CA SER A 153 12.45 21.09 3.27
C SER A 153 12.17 20.74 1.82
N PHE A 154 11.06 21.23 1.30
CA PHE A 154 10.71 20.96 -0.09
C PHE A 154 11.77 21.56 -1.02
N THR A 155 12.22 20.78 -1.99
CA THR A 155 13.05 21.32 -3.06
C THR A 155 12.32 22.50 -3.69
N LEU A 156 13.03 23.59 -3.93
CA LEU A 156 12.41 24.71 -4.64
C LEU A 156 12.79 24.67 -6.12
N GLY A 157 11.98 25.34 -6.93
CA GLY A 157 12.24 25.44 -8.36
C GLY A 157 11.03 24.99 -9.16
N THR A 158 11.27 24.21 -10.21
CA THR A 158 10.20 23.69 -11.04
C THR A 158 10.41 22.20 -11.29
N GLY A 159 11.67 21.80 -11.48
CA GLY A 159 11.98 20.40 -11.68
C GLY A 159 10.86 19.51 -11.18
N VAL A 160 10.70 19.45 -9.85
CA VAL A 160 9.79 18.49 -9.21
C VAL A 160 8.44 19.06 -8.75
N HIS A 161 7.58 18.17 -8.26
CA HIS A 161 6.23 18.52 -7.86
C HIS A 161 5.99 18.06 -6.43
N PRO A 162 5.88 19.01 -5.49
CA PRO A 162 5.73 18.69 -4.09
C PRO A 162 4.27 18.43 -3.74
N ILE A 163 4.04 17.64 -2.70
CA ILE A 163 2.70 17.33 -2.24
C ILE A 163 2.72 17.07 -0.75
N VAL A 164 1.75 17.62 -0.03
CA VAL A 164 1.66 17.39 1.41
C VAL A 164 0.52 16.46 1.76
N VAL A 165 0.84 15.30 2.34
CA VAL A 165 -0.19 14.35 2.72
C VAL A 165 -0.49 14.42 4.21
N VAL A 166 -1.76 14.63 4.53
CA VAL A 166 -2.21 14.64 5.91
C VAL A 166 -3.32 13.61 6.10
N GLN A 167 -3.52 13.21 7.34
CA GLN A 167 -4.70 12.44 7.70
C GLN A 167 -5.44 13.22 8.79
N PRO A 168 -6.46 13.99 8.38
CA PRO A 168 -7.18 14.90 9.26
C PRO A 168 -7.57 14.27 10.61
N ASP A 169 -8.00 13.02 10.57
CA ASP A 169 -8.50 12.35 11.76
C ASP A 169 -7.67 12.53 13.00
N ALA A 170 -6.40 12.13 12.92
CA ALA A 170 -5.57 12.03 14.13
C ALA A 170 -5.18 13.38 14.73
N TRP A 171 -5.88 14.45 14.34
CA TRP A 171 -5.58 15.80 14.81
C TRP A 171 -6.44 16.20 16.02
N THR A 172 -5.97 17.14 16.81
CA THR A 172 -6.76 17.70 17.90
C THR A 172 -6.76 19.23 17.85
N GLU A 173 -6.12 19.79 16.83
CA GLU A 173 -6.00 21.24 16.68
C GLU A 173 -7.01 21.86 15.72
N ASP A 174 -7.37 23.12 15.95
CA ASP A 174 -8.35 23.82 15.13
C ASP A 174 -7.72 24.87 14.21
N ASN A 175 -6.39 25.06 14.34
CA ASN A 175 -5.62 25.82 13.37
C ASN A 175 -4.52 24.97 12.74
N GLY A 176 -4.80 23.67 12.58
CA GLY A 176 -3.78 22.73 12.12
C GLY A 176 -3.74 22.55 10.61
N PHE A 177 -4.53 21.60 10.13
CA PHE A 177 -4.43 21.15 8.73
C PHE A 177 -5.16 22.02 7.71
N HIS A 178 -5.74 23.13 8.16
CA HIS A 178 -6.39 24.05 7.23
C HIS A 178 -5.39 25.12 6.79
N ALA A 179 -4.28 25.19 7.52
CA ALA A 179 -3.32 26.28 7.37
C ALA A 179 -1.96 25.84 6.83
N ILE A 180 -1.88 24.64 6.28
CA ILE A 180 -0.61 24.16 5.75
C ILE A 180 -0.14 25.03 4.58
N GLY A 181 -1.09 25.44 3.74
CA GLY A 181 -0.78 26.21 2.55
C GLY A 181 -0.17 27.55 2.87
N GLN A 182 -0.14 27.90 4.16
CA GLN A 182 0.48 29.14 4.61
C GLN A 182 1.98 28.96 4.80
N MET A 183 2.37 27.74 5.15
CA MET A 183 3.75 27.45 5.46
C MET A 183 4.46 26.83 4.28
N CYS A 184 3.76 26.69 3.15
CA CYS A 184 4.42 26.22 1.94
C CYS A 184 3.52 26.29 0.71
N GLU A 185 4.12 25.97 -0.43
CA GLU A 185 3.44 26.13 -1.72
C GLU A 185 3.26 24.79 -2.39
N ALA A 186 2.55 23.89 -1.73
CA ALA A 186 2.33 22.56 -2.25
C ALA A 186 0.86 22.22 -2.09
N PRO A 187 0.33 21.37 -2.98
CA PRO A 187 -1.04 20.93 -2.75
C PRO A 187 -1.08 20.12 -1.46
N VAL A 188 -2.18 20.22 -0.71
CA VAL A 188 -2.41 19.36 0.45
C VAL A 188 -3.41 18.27 0.11
N VAL A 189 -3.32 17.12 0.75
CA VAL A 189 -4.28 16.04 0.49
C VAL A 189 -4.35 15.04 1.63
N THR A 190 -5.43 14.29 1.68
CA THR A 190 -5.59 13.22 2.68
C THR A 190 -4.78 12.01 2.28
N ARG A 191 -4.36 11.23 3.28
CA ARG A 191 -3.75 9.92 3.04
C ARG A 191 -4.49 9.12 1.97
N GLU A 192 -5.82 9.20 1.95
CA GLU A 192 -6.63 8.47 0.95
C GLU A 192 -6.08 8.63 -0.46
N TRP A 193 -5.56 9.81 -0.78
CA TRP A 193 -4.98 10.00 -2.11
C TRP A 193 -3.92 8.95 -2.36
N VAL A 194 -3.13 8.64 -1.33
CA VAL A 194 -2.05 7.67 -1.47
C VAL A 194 -2.54 6.23 -1.54
N LEU A 195 -3.45 5.87 -0.64
CA LEU A 195 -3.86 4.47 -0.52
C LEU A 195 -4.68 4.06 -1.73
N THR A 196 -5.71 4.84 -2.02
CA THR A 196 -6.50 4.66 -3.23
C THR A 196 -5.60 4.67 -4.47
N SER A 197 -4.58 5.51 -4.47
CA SER A 197 -3.67 5.55 -5.61
C SER A 197 -2.87 4.25 -5.70
N VAL A 198 -2.49 3.74 -4.53
CA VAL A 198 -1.69 2.54 -4.45
C VAL A 198 -2.53 1.28 -4.71
N ALA A 199 -3.76 1.28 -4.19
CA ALA A 199 -4.68 0.18 -4.46
C ALA A 199 -4.72 -0.05 -5.96
N LEU A 200 -5.32 0.89 -6.69
CA LEU A 200 -5.43 0.81 -8.15
C LEU A 200 -4.06 0.84 -8.84
N TYR A 201 -3.01 1.09 -8.06
CA TYR A 201 -1.70 1.40 -8.62
C TYR A 201 -1.77 2.37 -9.79
N GLN A 202 -2.81 3.20 -9.81
CA GLN A 202 -2.93 4.24 -10.80
C GLN A 202 -2.87 5.60 -10.13
N CYS A 203 -1.86 6.39 -10.51
CA CYS A 203 -1.62 7.70 -9.92
C CYS A 203 -2.83 8.61 -9.95
N GLN A 204 -3.63 8.54 -8.89
CA GLN A 204 -4.83 9.37 -8.79
C GLN A 204 -4.44 10.82 -8.82
N GLU A 205 -5.40 11.67 -9.14
CA GLU A 205 -5.13 13.09 -9.28
C GLU A 205 -5.82 13.92 -8.21
N LEU A 206 -5.02 14.79 -7.61
CA LEU A 206 -5.36 15.51 -6.39
C LEU A 206 -6.78 16.04 -6.33
N ASP A 207 -7.37 16.29 -7.49
CA ASP A 207 -8.65 16.96 -7.57
C ASP A 207 -9.58 16.60 -6.41
N THR A 208 -9.94 15.33 -6.34
CA THR A 208 -10.95 14.86 -5.42
C THR A 208 -10.49 14.80 -3.97
N TYR A 209 -9.19 14.98 -3.74
CA TYR A 209 -8.62 14.78 -2.40
C TYR A 209 -8.09 16.05 -1.72
N LEU A 210 -7.98 17.15 -2.46
CA LEU A 210 -7.46 18.40 -1.89
C LEU A 210 -8.13 18.80 -0.58
N ILE A 211 -7.41 19.52 0.27
CA ILE A 211 -7.98 20.06 1.50
C ILE A 211 -8.08 21.60 1.46
N PRO A 212 -9.01 22.17 2.25
CA PRO A 212 -9.21 23.61 2.22
C PRO A 212 -8.04 24.33 2.85
N GLN A 213 -7.33 25.11 2.04
CA GLN A 213 -6.19 25.85 2.54
C GLN A 213 -6.54 27.32 2.74
N ILE A 214 -6.46 27.77 3.99
CA ILE A 214 -6.62 29.17 4.30
C ILE A 214 -5.46 29.96 3.71
N PRO A 215 -5.75 30.91 2.80
CA PRO A 215 -4.72 31.91 2.47
C PRO A 215 -4.35 32.81 3.66
N SEP B 1 -4.84 -7.30 12.25
CA SEP B 1 -4.26 -6.12 11.55
CB SEP B 1 -3.87 -6.49 10.12
OG SEP B 1 -2.54 -6.91 10.07
C SEP B 1 -5.28 -5.00 11.51
O SEP B 1 -6.47 -5.23 11.63
P SEP B 1 -2.44 -8.30 9.31
O1P SEP B 1 -2.28 -8.11 7.72
O2P SEP B 1 -3.80 -9.06 9.69
O3P SEP B 1 -1.13 -9.13 9.75
N PRO B 2 -4.80 -3.75 11.37
CA PRO B 2 -5.72 -2.64 11.18
C PRO B 2 -6.17 -2.64 9.73
N THR B 3 -7.39 -2.19 9.45
CA THR B 3 -7.84 -2.07 8.06
C THR B 3 -8.16 -0.63 7.68
N PHE B 4 -8.18 -0.36 6.39
CA PHE B 4 -8.40 0.99 5.90
C PHE B 4 -9.40 1.03 4.76
N NH2 B 5 -10.53 1.69 5.01
NI NI C . 3.64 19.81 -13.52
CL CL D . -6.79 -7.46 10.70
#